data_4YVG
#
_entry.id   4YVG
#
_cell.length_a   93.869
_cell.length_b   93.869
_cell.length_c   177.952
_cell.angle_alpha   90.00
_cell.angle_beta   90.00
_cell.angle_gamma   120.00
#
_symmetry.space_group_name_H-M   'H 3 2'
#
loop_
_entity.id
_entity.type
_entity.pdbx_description
1 polymer 'tRNA (guanine-N(1)-)-methyltransferase'
2 non-polymer S-ADENOSYLMETHIONINE
3 water water
#
_entity_poly.entity_id   1
_entity_poly.type   'polypeptide(L)'
_entity_poly.pdbx_seq_one_letter_code
;MGSSHHHHHHSSGLVPRGSHMWIGVISLFPEMFKAITEFGVTGRAVKHNLLKVECWNPRDFTFDKHKTVDDRPYGGGPGM
LMMVQPLRDAIHTAKAAAGEGAKVIYLSPQGRKLDQGGVTELAQNQKLILVCGRYEGIDERLIQTEIDEEWSIGDYVLTG
GELPAMTLIDAVARFIPGVLGKQASAEEDSFADGLLDCPHYTRPEVLEGLTVPPVLMSGHHEEIRKWRLKQSLQRTWLRR
PELLEGLALTDEQRKLLKEAQAEHNS
;
_entity_poly.pdbx_strand_id   A
#
loop_
_chem_comp.id
_chem_comp.type
_chem_comp.name
_chem_comp.formula
SAM non-polymer S-ADENOSYLMETHIONINE 'C15 H22 N6 O5 S'
#
# COMPACT_ATOMS: atom_id res chain seq x y z
N HIS A 20 -10.10 7.86 12.35
CA HIS A 20 -9.65 6.76 13.19
C HIS A 20 -9.76 5.42 12.43
N MET A 21 -8.64 4.73 12.43
CA MET A 21 -8.60 3.43 11.80
C MET A 21 -7.85 2.51 12.76
N TRP A 22 -8.35 1.28 12.85
CA TRP A 22 -7.76 0.19 13.68
C TRP A 22 -7.33 -0.94 12.76
N ILE A 23 -6.04 -1.33 12.91
CA ILE A 23 -5.53 -2.42 12.10
C ILE A 23 -4.96 -3.49 13.03
N GLY A 24 -5.50 -4.71 12.95
CA GLY A 24 -4.96 -5.86 13.67
C GLY A 24 -4.02 -6.56 12.69
N VAL A 25 -2.90 -7.01 13.21
CA VAL A 25 -1.91 -7.70 12.35
C VAL A 25 -1.58 -9.05 12.97
N ILE A 26 -1.53 -10.08 12.16
CA ILE A 26 -1.07 -11.40 12.61
C ILE A 26 0.28 -11.65 11.94
N SER A 27 1.34 -11.77 12.72
CA SER A 27 2.69 -11.89 12.20
C SER A 27 3.59 -12.60 13.14
N LEU A 28 4.49 -13.44 12.59
CA LEU A 28 5.59 -14.03 13.33
C LEU A 28 6.67 -13.04 13.75
N PHE A 29 6.67 -11.84 13.13
CA PHE A 29 7.73 -10.85 13.39
C PHE A 29 7.11 -9.49 13.62
N PRO A 30 6.32 -9.35 14.68
CA PRO A 30 5.62 -8.09 14.94
C PRO A 30 6.56 -6.90 15.09
N GLU A 31 7.80 -7.13 15.54
CA GLU A 31 8.74 -6.00 15.65
C GLU A 31 9.01 -5.31 14.32
N MET A 32 8.81 -6.02 13.23
CA MET A 32 8.98 -5.33 11.93
C MET A 32 8.09 -4.11 11.78
N PHE A 33 6.91 -4.15 12.42
CA PHE A 33 5.95 -3.06 12.26
C PHE A 33 6.43 -1.76 12.92
N LYS A 34 7.47 -1.84 13.75
CA LYS A 34 8.09 -0.58 14.25
C LYS A 34 8.46 0.33 13.12
N ALA A 35 8.74 -0.21 11.94
CA ALA A 35 9.15 0.61 10.81
C ALA A 35 8.07 1.63 10.43
N ILE A 36 6.79 1.25 10.60
CA ILE A 36 5.74 2.24 10.38
C ILE A 36 5.21 2.84 11.68
N THR A 37 5.20 2.14 12.80
CA THR A 37 4.60 2.75 13.99
C THR A 37 5.53 3.75 14.69
N GLU A 38 6.84 3.71 14.44
CA GLU A 38 7.76 4.60 15.19
C GLU A 38 8.37 5.74 14.35
N PHE A 39 8.11 5.83 13.05
CA PHE A 39 8.81 6.73 12.20
C PHE A 39 7.93 7.49 11.22
N GLY A 40 8.25 8.76 11.04
CA GLY A 40 7.62 9.52 9.96
C GLY A 40 6.15 9.80 10.19
N VAL A 41 5.49 10.15 9.11
CA VAL A 41 4.07 10.48 9.16
C VAL A 41 3.22 9.35 9.75
N THR A 42 3.52 8.07 9.47
CA THR A 42 2.72 7.02 10.04
C THR A 42 2.97 6.87 11.54
N GLY A 43 4.20 7.12 11.98
CA GLY A 43 4.58 6.99 13.36
C GLY A 43 3.83 8.09 14.15
N ARG A 44 3.75 9.28 13.55
CA ARG A 44 3.03 10.37 14.24
C ARG A 44 1.55 9.99 14.27
N ALA A 45 1.01 9.45 13.19
CA ALA A 45 -0.40 8.98 13.23
C ALA A 45 -0.66 8.01 14.36
N VAL A 46 0.26 7.08 14.60
CA VAL A 46 0.09 6.11 15.68
C VAL A 46 0.20 6.79 17.06
N LYS A 47 1.23 7.64 17.28
CA LYS A 47 1.37 8.32 18.59
C LYS A 47 0.18 9.22 18.91
N HIS A 48 -0.41 9.82 17.89
CA HIS A 48 -1.56 10.70 18.08
C HIS A 48 -2.90 9.97 18.08
N ASN A 49 -2.87 8.65 18.01
CA ASN A 49 -4.13 7.90 18.03
C ASN A 49 -5.04 8.04 16.82
N LEU A 50 -4.51 8.45 15.66
CA LEU A 50 -5.30 8.54 14.45
C LEU A 50 -5.37 7.12 13.89
N LEU A 51 -4.29 6.39 14.08
CA LEU A 51 -4.15 4.99 13.58
C LEU A 51 -3.75 4.10 14.75
N LYS A 52 -4.45 2.98 14.99
CA LYS A 52 -3.95 2.04 16.00
C LYS A 52 -3.60 0.74 15.31
N VAL A 53 -2.47 0.22 15.65
CA VAL A 53 -1.98 -1.05 15.08
C VAL A 53 -1.73 -2.02 16.21
N GLU A 54 -2.40 -3.17 16.20
CA GLU A 54 -2.26 -4.13 17.30
C GLU A 54 -1.83 -5.45 16.65
N CYS A 55 -0.86 -6.11 17.27
CA CYS A 55 -0.27 -7.34 16.66
C CYS A 55 -0.47 -8.56 17.53
N TRP A 56 -0.71 -9.68 16.88
CA TRP A 56 -0.69 -10.99 17.54
C TRP A 56 0.27 -11.90 16.80
N ASN A 57 1.05 -12.67 17.54
CA ASN A 57 2.11 -13.52 16.99
C ASN A 57 1.72 -14.99 17.15
N PRO A 58 1.52 -15.74 16.06
CA PRO A 58 1.23 -17.17 16.18
C PRO A 58 2.16 -17.94 17.15
N ARG A 59 3.38 -17.52 17.35
CA ARG A 59 4.26 -18.21 18.25
C ARG A 59 3.69 -18.22 19.63
N ASP A 60 2.97 -17.15 19.97
CA ASP A 60 2.45 -17.09 21.35
C ASP A 60 1.24 -18.00 21.55
N PHE A 61 0.74 -18.60 20.49
CA PHE A 61 -0.39 -19.51 20.55
C PHE A 61 0.05 -20.95 20.40
N THR A 62 1.36 -21.23 20.46
CA THR A 62 1.82 -22.62 20.38
C THR A 62 1.77 -23.25 21.76
N PHE A 63 1.82 -24.57 21.79
CA PHE A 63 1.83 -25.30 23.09
C PHE A 63 2.99 -26.25 23.22
N ASP A 64 3.70 -26.55 22.15
CA ASP A 64 4.83 -27.49 22.27
C ASP A 64 6.07 -26.79 22.82
N LYS A 65 6.99 -27.57 23.36
CA LYS A 65 8.19 -27.03 24.01
C LYS A 65 8.99 -26.04 23.13
N HIS A 66 9.03 -26.35 21.84
CA HIS A 66 9.84 -25.52 20.96
C HIS A 66 9.02 -24.51 20.15
N LYS A 67 7.77 -24.30 20.53
CA LYS A 67 6.95 -23.20 19.95
C LYS A 67 6.98 -23.27 18.40
N THR A 68 6.62 -24.44 17.89
CA THR A 68 6.67 -24.71 16.46
C THR A 68 5.53 -23.98 15.70
N VAL A 69 5.95 -23.20 14.67
CA VAL A 69 4.97 -22.42 13.94
C VAL A 69 4.89 -22.76 12.46
N ASP A 70 5.70 -23.77 12.02
CA ASP A 70 5.62 -24.25 10.62
C ASP A 70 5.20 -25.69 10.59
N ASP A 71 4.91 -26.20 9.41
CA ASP A 71 4.40 -27.60 9.27
C ASP A 71 4.65 -28.04 7.83
N ARG A 72 4.68 -29.34 7.57
CA ARG A 72 5.03 -29.85 6.25
C ARG A 72 3.83 -29.87 5.34
N PRO A 73 4.02 -29.52 4.07
CA PRO A 73 2.86 -29.58 3.17
C PRO A 73 2.51 -31.01 2.78
N TYR A 74 1.23 -31.29 2.72
CA TYR A 74 0.81 -32.57 2.13
C TYR A 74 1.23 -32.55 0.69
N GLY A 75 1.70 -33.72 0.22
CA GLY A 75 2.08 -33.83 -1.17
C GLY A 75 3.55 -33.70 -1.35
N GLY A 76 4.27 -33.30 -0.29
CA GLY A 76 5.69 -33.14 -0.32
C GLY A 76 6.07 -31.89 -1.06
N GLY A 77 7.26 -31.91 -1.59
CA GLY A 77 7.70 -30.76 -2.34
C GLY A 77 8.53 -30.03 -1.34
N PRO A 78 9.28 -29.06 -1.81
CA PRO A 78 10.15 -28.41 -0.84
C PRO A 78 9.29 -27.41 -0.09
N GLY A 79 9.86 -26.95 0.98
CA GLY A 79 9.23 -25.87 1.71
C GLY A 79 8.33 -26.29 2.84
N MET A 80 8.02 -25.27 3.62
CA MET A 80 7.09 -25.47 4.73
C MET A 80 5.96 -24.50 4.64
N LEU A 81 4.89 -24.78 5.35
CA LEU A 81 3.71 -23.88 5.50
C LEU A 81 3.59 -23.35 6.92
N MET A 82 2.91 -22.24 7.12
CA MET A 82 2.53 -21.92 8.49
C MET A 82 1.66 -23.05 9.06
N MET A 83 2.00 -23.38 10.30
CA MET A 83 1.20 -24.40 11.05
C MET A 83 -0.20 -23.82 11.30
N VAL A 84 -1.20 -24.63 11.04
CA VAL A 84 -2.60 -24.19 11.14
C VAL A 84 -3.05 -23.77 12.53
N GLN A 85 -2.84 -24.65 13.54
CA GLN A 85 -3.42 -24.32 14.82
C GLN A 85 -2.96 -22.96 15.44
N PRO A 86 -1.65 -22.68 15.51
CA PRO A 86 -1.26 -21.40 16.13
C PRO A 86 -1.77 -20.20 15.35
N LEU A 87 -1.74 -20.35 13.99
CA LEU A 87 -2.17 -19.25 13.13
C LEU A 87 -3.66 -19.01 13.27
N ARG A 88 -4.42 -20.11 13.26
CA ARG A 88 -5.91 -20.00 13.40
C ARG A 88 -6.26 -19.39 14.75
N ASP A 89 -5.58 -19.81 15.79
CA ASP A 89 -5.87 -19.27 17.12
C ASP A 89 -5.55 -17.78 17.23
N ALA A 90 -4.45 -17.39 16.59
CA ALA A 90 -4.10 -15.99 16.57
C ALA A 90 -5.15 -15.19 15.80
N ILE A 91 -5.62 -15.70 14.67
CA ILE A 91 -6.62 -15.01 13.91
C ILE A 91 -7.93 -14.86 14.75
N HIS A 92 -8.33 -15.92 15.42
CA HIS A 92 -9.54 -15.79 16.19
C HIS A 92 -9.39 -14.82 17.30
N THR A 93 -8.22 -14.72 17.94
CA THR A 93 -8.05 -13.68 18.96
C THR A 93 -8.14 -12.30 18.40
N ALA A 94 -7.49 -12.04 17.27
CA ALA A 94 -7.61 -10.76 16.66
C ALA A 94 -9.06 -10.42 16.30
N LYS A 95 -9.82 -11.36 15.76
CA LYS A 95 -11.22 -11.13 15.34
C LYS A 95 -12.03 -10.77 16.59
N ALA A 96 -11.76 -11.43 17.70
CA ALA A 96 -12.50 -11.08 18.89
C ALA A 96 -12.19 -9.69 19.37
N ALA A 97 -10.93 -9.27 19.28
CA ALA A 97 -10.50 -7.94 19.70
C ALA A 97 -11.12 -6.89 18.82
N ALA A 98 -11.31 -7.21 17.53
CA ALA A 98 -11.80 -6.22 16.56
C ALA A 98 -13.29 -5.99 16.74
N GLY A 99 -13.97 -6.99 17.27
CA GLY A 99 -15.41 -7.02 17.34
C GLY A 99 -16.01 -7.17 15.96
N GLU A 100 -17.26 -6.76 15.87
CA GLU A 100 -17.98 -6.85 14.61
C GLU A 100 -17.51 -5.83 13.57
N GLY A 101 -17.54 -6.31 12.33
CA GLY A 101 -17.28 -5.51 11.14
C GLY A 101 -15.83 -5.34 10.66
N ALA A 102 -14.92 -6.22 11.08
CA ALA A 102 -13.55 -6.10 10.61
C ALA A 102 -13.33 -7.02 9.46
N LYS A 103 -12.82 -6.48 8.36
CA LYS A 103 -12.52 -7.28 7.20
C LYS A 103 -11.14 -7.93 7.42
N VAL A 104 -11.05 -9.23 7.15
CA VAL A 104 -9.78 -9.99 7.34
C VAL A 104 -9.14 -10.15 5.95
N ILE A 105 -7.88 -9.68 5.82
CA ILE A 105 -7.18 -9.71 4.54
C ILE A 105 -5.97 -10.59 4.69
N TYR A 106 -5.76 -11.46 3.71
CA TYR A 106 -4.52 -12.22 3.61
C TYR A 106 -3.64 -11.61 2.52
N LEU A 107 -2.40 -11.27 2.91
CA LEU A 107 -1.44 -10.74 1.91
C LEU A 107 -0.87 -11.87 1.08
N SER A 108 -1.12 -11.82 -0.23
CA SER A 108 -0.60 -12.88 -1.09
C SER A 108 -0.43 -12.42 -2.53
N PRO A 109 0.61 -12.92 -3.26
CA PRO A 109 0.67 -12.60 -4.69
C PRO A 109 -0.45 -13.16 -5.54
N GLN A 110 -1.28 -14.05 -4.99
CA GLN A 110 -2.48 -14.60 -5.69
C GLN A 110 -3.68 -13.66 -5.46
N GLY A 111 -3.51 -12.58 -4.68
CA GLY A 111 -4.60 -11.71 -4.43
C GLY A 111 -4.76 -10.58 -5.41
N ARG A 112 -5.77 -9.77 -5.13
CA ARG A 112 -6.07 -8.57 -5.93
C ARG A 112 -4.88 -7.61 -5.91
N LYS A 113 -4.40 -7.21 -7.08
CA LYS A 113 -3.21 -6.37 -7.10
C LYS A 113 -3.56 -4.96 -6.61
N LEU A 114 -2.86 -4.47 -5.58
CA LEU A 114 -3.16 -3.16 -5.07
C LEU A 114 -2.85 -2.05 -6.09
N ASP A 115 -3.76 -1.06 -6.12
CA ASP A 115 -3.55 0.16 -6.89
C ASP A 115 -4.30 1.26 -6.15
N GLN A 116 -4.22 2.50 -6.65
CA GLN A 116 -4.75 3.59 -5.84
C GLN A 116 -6.28 3.49 -5.64
N GLY A 117 -7.00 2.97 -6.63
CA GLY A 117 -8.42 2.67 -6.47
C GLY A 117 -8.67 1.64 -5.37
N GLY A 118 -7.85 0.61 -5.36
CA GLY A 118 -7.96 -0.37 -4.30
C GLY A 118 -7.65 0.23 -2.91
N VAL A 119 -6.64 1.11 -2.85
CA VAL A 119 -6.35 1.82 -1.61
C VAL A 119 -7.52 2.66 -1.10
N THR A 120 -8.18 3.36 -2.02
CA THR A 120 -9.35 4.15 -1.62
C THR A 120 -10.51 3.28 -1.08
N GLU A 121 -10.70 2.14 -1.70
CA GLU A 121 -11.69 1.17 -1.21
C GLU A 121 -11.30 0.63 0.18
N LEU A 122 -10.04 0.24 0.34
CA LEU A 122 -9.67 -0.29 1.68
C LEU A 122 -9.77 0.77 2.76
N ALA A 123 -9.43 2.00 2.43
CA ALA A 123 -9.50 3.12 3.39
C ALA A 123 -10.94 3.38 3.91
N GLN A 124 -11.94 2.82 3.25
CA GLN A 124 -13.35 2.93 3.72
C GLN A 124 -13.64 2.07 4.98
N ASN A 125 -12.72 1.17 5.30
CA ASN A 125 -12.88 0.28 6.47
C ASN A 125 -12.38 0.93 7.74
N GLN A 126 -13.17 0.88 8.80
CA GLN A 126 -12.69 1.44 10.04
C GLN A 126 -11.79 0.42 10.76
N LYS A 127 -11.97 -0.87 10.45
CA LYS A 127 -11.17 -1.95 11.04
C LYS A 127 -10.73 -2.91 9.95
N LEU A 128 -9.45 -3.27 9.96
CA LEU A 128 -8.96 -4.40 9.14
C LEU A 128 -8.10 -5.30 9.97
N ILE A 129 -8.05 -6.58 9.64
CA ILE A 129 -7.08 -7.48 10.23
C ILE A 129 -6.26 -8.00 9.07
N LEU A 130 -4.93 -7.86 9.22
CA LEU A 130 -4.05 -8.25 8.14
C LEU A 130 -3.22 -9.50 8.53
N VAL A 131 -3.36 -10.59 7.74
CA VAL A 131 -2.71 -11.85 8.05
C VAL A 131 -1.43 -11.96 7.22
N CYS A 132 -0.29 -12.06 7.89
CA CYS A 132 1.02 -12.12 7.21
C CYS A 132 1.55 -13.53 7.21
N GLY A 133 1.71 -14.06 5.98
CA GLY A 133 2.26 -15.42 5.86
C GLY A 133 3.78 -15.36 5.85
N ARG A 134 4.39 -16.51 6.09
CA ARG A 134 5.85 -16.75 5.97
C ARG A 134 5.95 -18.11 5.28
N TYR A 135 7.20 -18.49 4.97
CA TYR A 135 7.47 -19.79 4.35
C TYR A 135 6.73 -19.87 3.02
N GLU A 136 6.11 -20.99 2.64
CA GLU A 136 5.41 -21.09 1.37
C GLU A 136 4.01 -20.54 1.43
N GLY A 137 3.57 -20.11 2.62
CA GLY A 137 2.24 -19.55 2.76
C GLY A 137 1.42 -20.22 3.84
N ILE A 138 0.14 -20.21 3.62
CA ILE A 138 -0.82 -20.77 4.59
C ILE A 138 -1.77 -21.75 3.94
N ASP A 139 -2.34 -22.59 4.79
CA ASP A 139 -3.29 -23.62 4.29
C ASP A 139 -4.49 -23.05 3.56
N GLU A 140 -4.74 -23.55 2.33
CA GLU A 140 -5.86 -23.05 1.53
C GLU A 140 -7.18 -23.00 2.26
N ARG A 141 -7.39 -23.98 3.16
CA ARG A 141 -8.71 -24.02 3.85
C ARG A 141 -8.84 -22.89 4.88
N LEU A 142 -7.71 -22.37 5.42
CA LEU A 142 -7.83 -21.15 6.24
C LEU A 142 -8.21 -19.95 5.43
N ILE A 143 -7.72 -19.88 4.18
CA ILE A 143 -8.19 -18.81 3.32
C ILE A 143 -9.70 -18.91 3.13
N GLN A 144 -10.19 -20.12 2.90
CA GLN A 144 -11.63 -20.28 2.72
C GLN A 144 -12.43 -19.96 3.96
N THR A 145 -11.90 -20.34 5.12
CA THR A 145 -12.74 -20.23 6.34
C THR A 145 -12.52 -18.93 7.17
N GLU A 146 -11.35 -18.26 7.01
CA GLU A 146 -11.07 -17.14 7.89
C GLU A 146 -10.81 -15.86 7.11
N ILE A 147 -10.50 -15.96 5.81
CA ILE A 147 -10.08 -14.72 5.09
C ILE A 147 -11.22 -14.16 4.26
N ASP A 148 -11.47 -12.85 4.36
CA ASP A 148 -12.45 -12.22 3.50
C ASP A 148 -11.90 -11.90 2.10
N GLU A 149 -10.68 -11.33 2.06
CA GLU A 149 -10.11 -10.90 0.79
C GLU A 149 -8.61 -11.18 0.75
N GLU A 150 -8.09 -11.53 -0.41
CA GLU A 150 -6.64 -11.64 -0.60
C GLU A 150 -6.17 -10.46 -1.44
N TRP A 151 -5.09 -9.84 -0.99
CA TRP A 151 -4.50 -8.69 -1.70
C TRP A 151 -3.02 -8.85 -1.89
N SER A 152 -2.55 -8.49 -3.08
CA SER A 152 -1.12 -8.46 -3.42
C SER A 152 -0.64 -7.05 -3.54
N ILE A 153 0.61 -6.80 -3.17
CA ILE A 153 1.16 -5.45 -3.43
C ILE A 153 1.81 -5.30 -4.84
N GLY A 154 1.93 -6.44 -5.55
CA GLY A 154 2.53 -6.39 -6.88
C GLY A 154 2.93 -7.76 -7.36
N ASP A 155 3.25 -7.87 -8.66
CA ASP A 155 3.50 -9.17 -9.26
C ASP A 155 4.95 -9.51 -9.09
N TYR A 156 5.33 -9.81 -7.84
CA TYR A 156 6.70 -10.21 -7.47
C TYR A 156 6.56 -10.94 -6.15
N VAL A 157 7.54 -11.74 -5.79
CA VAL A 157 7.41 -12.60 -4.56
C VAL A 157 8.37 -12.13 -3.50
N LEU A 158 7.81 -11.82 -2.33
CA LEU A 158 8.60 -11.48 -1.14
C LEU A 158 8.69 -12.63 -0.14
N THR A 159 9.56 -12.48 0.87
CA THR A 159 9.75 -13.56 1.86
C THR A 159 8.68 -13.66 2.92
N GLY A 160 7.80 -12.65 2.97
CA GLY A 160 6.80 -12.67 4.01
C GLY A 160 5.77 -11.64 3.68
N GLY A 161 4.63 -11.72 4.34
CA GLY A 161 3.58 -10.72 4.20
C GLY A 161 3.69 -9.42 4.99
N GLU A 162 4.71 -9.28 5.81
CA GLU A 162 4.90 -8.07 6.63
C GLU A 162 5.17 -6.83 5.81
N LEU A 163 6.09 -6.84 4.84
CA LEU A 163 6.30 -5.65 4.02
C LEU A 163 5.03 -5.35 3.23
N PRO A 164 4.34 -6.35 2.64
CA PRO A 164 3.06 -6.01 2.00
C PRO A 164 2.03 -5.39 2.97
N ALA A 165 1.92 -5.94 4.20
CA ALA A 165 0.95 -5.39 5.15
C ALA A 165 1.34 -3.97 5.50
N MET A 166 2.62 -3.70 5.71
CA MET A 166 3.01 -2.36 6.03
C MET A 166 2.77 -1.37 4.91
N THR A 167 2.98 -1.85 3.68
CA THR A 167 2.70 -1.05 2.48
C THR A 167 1.23 -0.67 2.45
N LEU A 168 0.37 -1.65 2.70
CA LEU A 168 -1.08 -1.38 2.69
C LEU A 168 -1.42 -0.38 3.80
N ILE A 169 -0.92 -0.60 5.03
CA ILE A 169 -1.16 0.31 6.13
C ILE A 169 -0.74 1.73 5.73
N ASP A 170 0.47 1.87 5.24
CA ASP A 170 1.00 3.18 4.92
C ASP A 170 0.08 3.85 3.87
N ALA A 171 -0.28 3.13 2.82
CA ALA A 171 -1.07 3.72 1.74
C ALA A 171 -2.43 4.20 2.24
N VAL A 172 -3.07 3.40 3.07
CA VAL A 172 -4.40 3.78 3.59
C VAL A 172 -4.32 4.86 4.62
N ALA A 173 -3.25 4.90 5.35
CA ALA A 173 -3.12 5.88 6.43
C ALA A 173 -3.10 7.25 5.84
N ARG A 174 -2.60 7.39 4.62
CA ARG A 174 -2.59 8.72 3.97
C ARG A 174 -4.01 9.32 3.83
N PHE A 175 -5.02 8.48 3.83
CA PHE A 175 -6.42 8.94 3.74
C PHE A 175 -7.07 9.30 5.08
N ILE A 176 -6.39 9.04 6.17
CA ILE A 176 -7.01 9.31 7.45
C ILE A 176 -6.86 10.78 7.72
N PRO A 177 -7.98 11.46 8.05
CA PRO A 177 -7.85 12.91 8.21
C PRO A 177 -6.84 13.25 9.29
N GLY A 178 -5.98 14.21 8.99
CA GLY A 178 -5.01 14.61 10.01
C GLY A 178 -3.64 13.97 9.87
N VAL A 179 -3.53 12.93 9.07
CA VAL A 179 -2.25 12.25 8.96
C VAL A 179 -1.25 13.06 8.15
N LEU A 180 -1.73 13.53 7.00
CA LEU A 180 -0.97 14.44 6.17
C LEU A 180 -1.41 15.85 6.54
N ASP A 189 -1.21 14.73 -7.48
CA ASP A 189 -0.66 13.58 -6.76
C ASP A 189 -0.78 12.33 -7.60
N SER A 190 0.30 11.54 -7.68
CA SER A 190 0.33 10.40 -8.58
C SER A 190 -0.90 9.54 -8.38
N PHE A 191 -1.59 9.25 -9.47
CA PHE A 191 -2.78 8.37 -9.46
C PHE A 191 -4.04 8.96 -8.84
N ALA A 192 -3.89 10.12 -8.21
CA ALA A 192 -5.01 10.78 -7.51
C ALA A 192 -6.08 11.08 -8.54
N ASP A 193 -5.65 11.76 -9.59
CA ASP A 193 -6.49 11.98 -10.76
C ASP A 193 -6.03 11.07 -11.91
N GLY A 194 -5.20 10.07 -11.56
CA GLY A 194 -4.91 9.02 -12.48
C GLY A 194 -3.60 9.26 -13.23
N LEU A 195 -2.96 10.39 -12.96
CA LEU A 195 -1.77 10.81 -13.70
C LEU A 195 -0.53 10.72 -12.84
N LEU A 196 0.63 10.57 -13.48
CA LEU A 196 1.91 10.68 -12.74
C LEU A 196 2.06 12.13 -12.29
N ASP A 197 2.80 12.33 -11.20
CA ASP A 197 3.01 13.67 -10.65
C ASP A 197 3.97 14.44 -11.61
N CYS A 198 3.92 15.77 -11.50
CA CYS A 198 4.84 16.66 -12.24
C CYS A 198 6.20 16.69 -11.51
N PRO A 199 7.22 17.13 -12.21
CA PRO A 199 8.54 17.27 -11.57
C PRO A 199 8.46 18.40 -10.60
N HIS A 200 9.33 18.34 -9.58
CA HIS A 200 9.33 19.35 -8.54
C HIS A 200 10.76 19.86 -8.43
N TYR A 201 10.88 21.10 -8.00
CA TYR A 201 12.21 21.76 -7.87
C TYR A 201 12.26 22.59 -6.63
N THR A 202 13.46 22.59 -6.03
CA THR A 202 13.70 23.45 -4.86
C THR A 202 15.09 24.09 -5.03
N ARG A 203 15.58 24.78 -3.99
CA ARG A 203 16.86 25.44 -4.11
C ARG A 203 17.96 24.46 -4.36
N PRO A 204 19.00 24.88 -5.07
CA PRO A 204 19.25 26.20 -5.63
C PRO A 204 18.64 26.42 -7.00
N GLU A 205 18.61 27.68 -7.43
CA GLU A 205 18.08 27.98 -8.77
C GLU A 205 18.79 27.29 -9.91
N VAL A 206 20.10 27.08 -9.82
CA VAL A 206 20.88 26.37 -10.83
C VAL A 206 21.66 25.25 -10.13
N LEU A 207 21.52 24.05 -10.67
CA LEU A 207 22.15 22.88 -10.08
C LEU A 207 22.85 22.10 -11.17
N GLU A 208 24.18 22.01 -11.12
CA GLU A 208 24.98 21.43 -12.18
C GLU A 208 24.55 21.94 -13.55
N GLY A 209 24.39 23.26 -13.59
CA GLY A 209 24.03 24.02 -14.77
C GLY A 209 22.58 23.84 -15.25
N LEU A 210 21.78 23.10 -14.48
CA LEU A 210 20.38 22.89 -14.83
C LEU A 210 19.53 23.87 -14.07
N THR A 211 18.73 24.62 -14.80
CA THR A 211 17.98 25.70 -14.18
C THR A 211 16.55 25.30 -13.87
N VAL A 212 15.99 25.92 -12.86
CA VAL A 212 14.57 25.73 -12.55
C VAL A 212 13.75 26.36 -13.73
N PRO A 213 12.74 25.65 -14.24
CA PRO A 213 11.87 26.28 -15.23
C PRO A 213 11.37 27.65 -14.78
N PRO A 214 11.63 28.66 -15.64
CA PRO A 214 11.29 30.01 -15.22
C PRO A 214 9.83 30.20 -14.91
N VAL A 215 8.92 29.43 -15.52
CA VAL A 215 7.53 29.57 -15.11
C VAL A 215 7.33 29.38 -13.63
N LEU A 216 8.12 28.48 -13.01
CA LEU A 216 7.92 28.30 -11.60
C LEU A 216 8.46 29.42 -10.71
N MET A 217 9.32 30.25 -11.30
CA MET A 217 9.80 31.46 -10.59
C MET A 217 8.94 32.71 -10.88
N SER A 218 7.95 32.60 -11.77
CA SER A 218 7.18 33.76 -12.31
C SER A 218 6.19 34.30 -11.31
N GLY A 219 5.78 33.49 -10.35
CA GLY A 219 4.75 33.87 -9.40
C GLY A 219 3.35 33.85 -10.00
N HIS A 220 3.20 33.35 -11.24
CA HIS A 220 1.90 33.34 -11.93
C HIS A 220 1.17 32.03 -11.63
N HIS A 221 0.27 32.07 -10.65
CA HIS A 221 -0.39 30.86 -10.20
C HIS A 221 -1.05 30.05 -11.29
N GLU A 222 -1.72 30.71 -12.24
CA GLU A 222 -2.48 30.00 -13.25
C GLU A 222 -1.55 29.37 -14.30
N GLU A 223 -0.50 30.08 -14.67
CA GLU A 223 0.52 29.54 -15.57
C GLU A 223 1.17 28.32 -14.88
N ILE A 224 1.44 28.44 -13.59
CA ILE A 224 2.11 27.33 -12.88
C ILE A 224 1.20 26.10 -12.84
N ARG A 225 -0.07 26.31 -12.52
CA ARG A 225 -1.06 25.23 -12.47
C ARG A 225 -1.09 24.51 -13.84
N LYS A 226 -1.18 25.27 -14.92
CA LYS A 226 -1.19 24.67 -16.25
C LYS A 226 0.10 23.90 -16.60
N TRP A 227 1.21 24.48 -16.23
CA TRP A 227 2.47 23.81 -16.49
C TRP A 227 2.54 22.45 -15.77
N ARG A 228 2.13 22.45 -14.51
CA ARG A 228 2.19 21.22 -13.71
C ARG A 228 1.26 20.18 -14.33
N LEU A 229 0.05 20.61 -14.72
CA LEU A 229 -0.88 19.67 -15.31
C LEU A 229 -0.36 19.14 -16.65
N LYS A 230 0.16 20.01 -17.49
CA LYS A 230 0.70 19.60 -18.75
C LYS A 230 1.89 18.61 -18.54
N GLN A 231 2.74 18.93 -17.54
CA GLN A 231 3.84 17.99 -17.24
C GLN A 231 3.36 16.62 -16.81
N SER A 232 2.32 16.59 -15.98
CA SER A 232 1.74 15.32 -15.53
C SER A 232 1.21 14.53 -16.71
N LEU A 233 0.58 15.27 -17.64
CA LEU A 233 0.06 14.59 -18.83
C LEU A 233 1.16 14.05 -19.70
N GLN A 234 2.15 14.88 -19.95
CA GLN A 234 3.30 14.48 -20.77
C GLN A 234 4.02 13.25 -20.17
N ARG A 235 4.25 13.30 -18.86
CA ARG A 235 4.99 12.22 -18.23
C ARG A 235 4.19 10.92 -18.23
N THR A 236 2.88 11.02 -17.96
CA THR A 236 2.04 9.84 -18.09
C THR A 236 2.07 9.26 -19.51
N TRP A 237 1.94 10.13 -20.50
CA TRP A 237 1.92 9.68 -21.88
C TRP A 237 3.22 8.97 -22.28
N LEU A 238 4.34 9.56 -21.89
CA LEU A 238 5.64 9.01 -22.25
C LEU A 238 6.00 7.73 -21.48
N ARG A 239 5.69 7.69 -20.19
CA ARG A 239 6.15 6.59 -19.33
C ARG A 239 5.14 5.49 -19.16
N ARG A 240 3.86 5.84 -19.06
CA ARG A 240 2.77 4.92 -18.73
C ARG A 240 1.54 5.20 -19.60
N PRO A 241 1.67 5.06 -20.93
CA PRO A 241 0.59 5.50 -21.81
C PRO A 241 -0.67 4.68 -21.60
N GLU A 242 -0.52 3.50 -21.01
CA GLU A 242 -1.70 2.67 -20.77
C GLU A 242 -2.59 3.30 -19.71
N LEU A 243 -1.99 4.07 -18.81
CA LEU A 243 -2.79 4.76 -17.78
C LEU A 243 -3.74 5.82 -18.38
N LEU A 244 -3.37 6.39 -19.51
CA LEU A 244 -4.20 7.42 -20.10
C LEU A 244 -5.44 6.85 -20.77
N GLU A 245 -5.33 5.62 -21.25
CA GLU A 245 -6.48 4.92 -21.83
C GLU A 245 -7.68 4.93 -20.88
N GLY A 246 -7.39 4.89 -19.58
CA GLY A 246 -8.39 4.66 -18.57
C GLY A 246 -9.09 5.95 -18.16
N LEU A 247 -8.73 7.05 -18.82
CA LEU A 247 -9.13 8.31 -18.27
C LEU A 247 -10.06 9.02 -19.16
N ALA A 248 -10.99 9.76 -18.53
CA ALA A 248 -11.86 10.67 -19.23
C ALA A 248 -11.25 12.06 -19.02
N LEU A 249 -10.39 12.46 -19.96
CA LEU A 249 -9.74 13.77 -19.84
C LEU A 249 -10.72 14.95 -19.90
N THR A 250 -10.45 15.99 -19.14
CA THR A 250 -11.20 17.23 -19.28
C THR A 250 -10.82 17.94 -20.55
N ASP A 251 -11.57 18.93 -20.94
CA ASP A 251 -11.19 19.63 -22.19
C ASP A 251 -9.76 20.26 -22.06
N GLU A 252 -9.50 20.85 -20.89
CA GLU A 252 -8.19 21.47 -20.64
C GLU A 252 -7.12 20.42 -20.72
N GLN A 253 -7.35 19.25 -20.09
CA GLN A 253 -6.34 18.18 -20.15
C GLN A 253 -6.11 17.72 -21.56
N ARG A 254 -7.17 17.61 -22.38
CA ARG A 254 -6.98 17.19 -23.77
C ARG A 254 -6.10 18.18 -24.53
N LYS A 255 -6.37 19.46 -24.33
CA LYS A 255 -5.60 20.53 -24.96
C LYS A 255 -4.10 20.49 -24.54
N LEU A 256 -3.86 20.40 -23.23
CA LEU A 256 -2.48 20.42 -22.76
C LEU A 256 -1.75 19.19 -23.18
N LEU A 257 -2.40 18.03 -23.19
CA LEU A 257 -1.81 16.81 -23.71
C LEU A 257 -1.46 16.97 -25.19
N LYS A 258 -2.39 17.56 -25.98
CA LYS A 258 -2.10 17.76 -27.41
C LYS A 258 -0.92 18.69 -27.58
N GLU A 259 -0.84 19.73 -26.76
CA GLU A 259 0.32 20.67 -26.87
C GLU A 259 1.61 19.93 -26.57
N ALA A 260 1.61 19.08 -25.55
CA ALA A 260 2.84 18.38 -25.20
C ALA A 260 3.25 17.41 -26.27
N GLN A 261 2.28 16.75 -26.89
CA GLN A 261 2.55 15.78 -27.96
C GLN A 261 3.09 16.54 -29.20
N ALA A 262 2.58 17.72 -29.49
CA ALA A 262 3.10 18.50 -30.63
C ALA A 262 4.52 18.95 -30.33
N GLU A 263 4.81 19.28 -29.08
CA GLU A 263 6.14 19.72 -28.80
C GLU A 263 7.12 18.56 -28.95
N HIS A 264 6.65 17.36 -28.64
CA HIS A 264 7.46 16.16 -28.78
C HIS A 264 7.77 15.86 -30.25
N ASN A 265 6.81 16.17 -31.17
CA ASN A 265 6.88 15.93 -32.63
C ASN A 265 7.58 17.06 -33.45
N SER A 266 8.16 17.97 -32.67
CA SER A 266 8.76 19.22 -33.18
C SER A 266 10.25 19.19 -33.04
N SAM B . 5.01 -20.05 -3.11
CA SAM B . 4.26 -19.02 -2.41
C SAM B . 3.36 -18.14 -3.34
O SAM B . 2.24 -17.68 -2.99
OXT SAM B . 3.76 -17.80 -4.47
CB SAM B . 5.23 -18.01 -1.77
CG SAM B . 4.89 -17.56 -0.34
SD SAM B . 5.86 -16.09 -0.05
CE SAM B . 7.46 -16.91 -0.01
C5' SAM B . 5.64 -15.88 1.76
C4' SAM B . 4.51 -14.98 2.26
O4' SAM B . 4.70 -13.67 1.72
C3' SAM B . 3.24 -15.56 1.73
O3' SAM B . 2.27 -15.66 2.72
C2' SAM B . 2.76 -14.53 0.76
O2' SAM B . 1.33 -14.58 0.40
C1' SAM B . 3.51 -13.20 1.17
N9 SAM B . 3.82 -12.47 -0.08
C8 SAM B . 4.87 -12.71 -0.96
N7 SAM B . 4.78 -11.82 -1.95
C5 SAM B . 3.70 -11.01 -1.74
C6 SAM B . 3.15 -10.00 -2.52
N6 SAM B . 3.69 -9.62 -3.71
N1 SAM B . 2.04 -9.40 -2.04
C2 SAM B . 1.52 -9.81 -0.84
N3 SAM B . 2.03 -10.82 -0.07
C4 SAM B . 3.10 -11.44 -0.56
#